data_9M16
#
_entry.id   9M16
#
_cell.length_a   154.612
_cell.length_b   42.568
_cell.length_c   42.271
_cell.angle_alpha   90.000
_cell.angle_beta   95.560
_cell.angle_gamma   90.000
#
_symmetry.space_group_name_H-M   'C 1 2 1'
#
loop_
_entity.id
_entity.type
_entity.pdbx_description
1 polymer 'Vitamin D3 receptor'
2 polymer 'Mediator of RNA polymerase II transcription subunit 1'
3 non-polymer '(4~{S})-5-[4-[[4-(2-ethyl-2-oxidanyl-butoxy)-2,3-dimethyl-phenyl]-dimethyl-silyl]-2,3-dimethyl-phenoxy]-4-oxidanyl-pentanoic acid'
4 water water
#
loop_
_entity_poly.entity_id
_entity_poly.type
_entity_poly.pdbx_seq_one_letter_code
_entity_poly.pdbx_strand_id
1 'polypeptide(L)'
;GSHMGSPNSPLKDSLRPKLSEEQQHIIAILLDAHHKTYDPTYADFRDFRPPVRMDGSTGSVTLDLSPLSMLPHLADLVSY
SIQKVIGFAKMIPGFRDLTSDDQIVLLKSSAIEVIMLRSNQSFTMDDMSWDCGSQDYKYDVTDVSKAGHTLELIEPLIKF
QVGLKKLNLHEEEHVLLMAICIVSPDRPGVQDAKLVEAIQDRLSNTLQTYIRCRHPPPGSHQLYAKMIQKLADLRSLNEE
HSKQYRSLSFQPENSMKLTPLVLEVFGNEIS
;
A
2 'polypeptide(L)' KNHPMLMNLLKDN C
#
loop_
_chem_comp.id
_chem_comp.type
_chem_comp.name
_chem_comp.formula
A1L74 non-polymer '(4~{S})-5-[4-[[4-(2-ethyl-2-oxidanyl-butoxy)-2,3-dimethyl-phenyl]-dimethyl-silyl]-2,3-dimethyl-phenoxy]-4-oxidanyl-pentanoic acid' 'C29 H44 O6 Si'
#
# COMPACT_ATOMS: atom_id res chain seq x y z
N LYS A 18 16.72 23.78 7.82
CA LYS A 18 15.28 23.55 7.76
C LYS A 18 14.91 22.11 8.14
N LEU A 19 15.62 21.13 7.59
CA LEU A 19 15.34 19.71 7.87
C LEU A 19 15.95 19.38 9.23
N SER A 20 15.12 19.42 10.28
CA SER A 20 15.58 19.28 11.64
C SER A 20 16.20 17.89 11.88
N GLU A 21 16.82 17.76 13.06
CA GLU A 21 17.36 16.47 13.49
C GLU A 21 16.25 15.42 13.61
N GLU A 22 15.13 15.79 14.23
CA GLU A 22 14.00 14.89 14.36
C GLU A 22 13.49 14.45 12.98
N GLN A 23 13.46 15.36 12.02
CA GLN A 23 12.96 15.00 10.69
C GLN A 23 13.91 14.06 9.97
N GLN A 24 15.22 14.29 10.10
CA GLN A 24 16.19 13.35 9.54
C GLN A 24 16.08 11.99 10.20
N HIS A 25 15.80 11.98 11.50
CA HIS A 25 15.62 10.72 12.20
C HIS A 25 14.38 9.99 11.70
N ILE A 26 13.28 10.72 11.52
CA ILE A 26 12.06 10.14 10.97
C ILE A 26 12.34 9.44 9.65
N ILE A 27 13.06 10.12 8.76
CA ILE A 27 13.33 9.57 7.43
C ILE A 27 14.21 8.32 7.53
N ALA A 28 15.20 8.33 8.43
CA ALA A 28 16.06 7.15 8.60
C ALA A 28 15.27 5.94 9.08
N ILE A 29 14.34 6.14 10.02
CA ILE A 29 13.55 5.03 10.54
C ILE A 29 12.68 4.44 9.44
N LEU A 30 12.03 5.31 8.66
CA LEU A 30 11.14 4.84 7.60
C LEU A 30 11.89 4.13 6.50
N LEU A 31 13.08 4.63 6.12
CA LEU A 31 13.88 3.92 5.13
C LEU A 31 14.26 2.53 5.63
N ASP A 32 14.67 2.44 6.89
CA ASP A 32 15.02 1.13 7.46
C ASP A 32 13.81 0.22 7.51
N ALA A 33 12.67 0.75 7.95
CA ALA A 33 11.45 -0.05 8.01
C ALA A 33 11.08 -0.60 6.64
N HIS A 34 11.22 0.22 5.59
CA HIS A 34 10.95 -0.28 4.23
C HIS A 34 11.94 -1.36 3.85
N HIS A 35 13.23 -1.16 4.14
N HIS A 35 13.23 -1.15 4.13
CA HIS A 35 14.22 -2.17 3.78
CA HIS A 35 14.26 -2.13 3.84
C HIS A 35 13.97 -3.49 4.49
C HIS A 35 13.96 -3.47 4.50
N LYS A 36 13.43 -3.44 5.71
CA LYS A 36 13.15 -4.66 6.45
C LYS A 36 11.85 -5.33 6.01
N THR A 37 11.00 -4.65 5.25
CA THR A 37 9.70 -5.23 4.86
C THR A 37 9.50 -5.33 3.37
N TYR A 38 10.46 -4.93 2.55
CA TYR A 38 10.38 -5.09 1.10
C TYR A 38 11.60 -5.90 0.66
N ASP A 39 11.36 -7.09 0.11
CA ASP A 39 12.44 -7.95 -0.37
C ASP A 39 12.52 -7.85 -1.88
N PRO A 40 13.46 -7.07 -2.45
CA PRO A 40 13.52 -6.92 -3.91
C PRO A 40 14.03 -8.14 -4.64
N THR A 41 14.37 -9.21 -3.93
CA THR A 41 14.66 -10.48 -4.61
C THR A 41 13.41 -11.33 -4.82
N TYR A 42 12.32 -11.04 -4.12
CA TYR A 42 11.04 -11.74 -4.28
C TYR A 42 11.19 -13.25 -4.09
N ALA A 43 12.10 -13.66 -3.21
CA ALA A 43 12.38 -15.09 -3.04
C ALA A 43 11.21 -15.84 -2.44
N ASP A 44 10.35 -15.16 -1.66
CA ASP A 44 9.26 -15.84 -0.98
C ASP A 44 8.14 -16.25 -1.93
N PHE A 45 8.10 -15.68 -3.14
CA PHE A 45 6.99 -15.96 -4.06
C PHE A 45 6.87 -17.45 -4.38
N ARG A 46 7.94 -18.22 -4.19
CA ARG A 46 7.87 -19.65 -4.47
C ARG A 46 7.00 -20.38 -3.44
N ASP A 47 6.71 -19.74 -2.30
CA ASP A 47 5.85 -20.34 -1.29
C ASP A 47 4.37 -20.22 -1.63
N PHE A 48 4.01 -19.33 -2.55
CA PHE A 48 2.60 -19.09 -2.85
C PHE A 48 2.03 -20.23 -3.70
N ARG A 49 0.71 -20.36 -3.67
CA ARG A 49 0.08 -21.27 -4.60
C ARG A 49 0.42 -20.85 -6.03
N PRO A 50 0.55 -21.81 -6.95
CA PRO A 50 1.16 -21.52 -8.26
C PRO A 50 0.29 -20.61 -9.11
N PRO A 51 0.90 -19.69 -9.86
CA PRO A 51 0.15 -18.93 -10.86
C PRO A 51 -0.36 -19.88 -11.95
N VAL A 52 -1.57 -19.62 -12.42
CA VAL A 52 -2.14 -20.34 -13.56
C VAL A 52 -2.62 -19.32 -14.57
N ARG A 53 -2.05 -19.35 -15.77
CA ARG A 53 -2.36 -18.37 -16.80
C ARG A 53 -2.93 -18.98 -18.07
N MET A 54 -2.32 -20.05 -18.58
CA MET A 54 -2.59 -20.63 -19.91
C MET A 54 -4.02 -20.45 -20.43
N SER A 66 -14.52 -17.10 -18.13
CA SER A 66 -13.43 -18.05 -17.91
C SER A 66 -13.01 -18.08 -16.44
N PRO A 67 -12.42 -19.20 -16.01
CA PRO A 67 -12.07 -19.35 -14.59
C PRO A 67 -11.13 -18.25 -14.09
N LEU A 68 -11.20 -18.04 -12.77
CA LEU A 68 -10.30 -17.11 -12.09
C LEU A 68 -9.01 -17.81 -11.69
N SER A 69 -8.27 -18.22 -12.71
CA SER A 69 -7.13 -19.11 -12.52
C SER A 69 -6.03 -18.47 -11.68
N MET A 70 -5.95 -17.14 -11.62
CA MET A 70 -4.89 -16.48 -10.88
C MET A 70 -5.27 -16.15 -9.45
N LEU A 71 -6.52 -16.40 -9.05
CA LEU A 71 -6.96 -16.01 -7.71
C LEU A 71 -6.20 -16.71 -6.59
N PRO A 72 -5.91 -18.02 -6.65
CA PRO A 72 -5.11 -18.61 -5.55
C PRO A 72 -3.75 -17.96 -5.39
N HIS A 73 -3.02 -17.79 -6.49
CA HIS A 73 -1.69 -17.17 -6.40
C HIS A 73 -1.78 -15.73 -5.92
N LEU A 74 -2.72 -14.96 -6.48
CA LEU A 74 -2.78 -13.54 -6.15
C LEU A 74 -3.36 -13.30 -4.77
N ALA A 75 -4.20 -14.21 -4.28
CA ALA A 75 -4.62 -14.14 -2.88
C ALA A 75 -3.44 -14.30 -1.94
N ASP A 76 -2.58 -15.29 -2.21
CA ASP A 76 -1.36 -15.46 -1.41
C ASP A 76 -0.44 -14.24 -1.53
N LEU A 77 -0.27 -13.71 -2.75
CA LEU A 77 0.56 -12.53 -2.92
C LEU A 77 0.04 -11.35 -2.10
N VAL A 78 -1.27 -11.08 -2.21
CA VAL A 78 -1.88 -9.99 -1.44
C VAL A 78 -1.70 -10.23 0.05
N SER A 79 -2.00 -11.45 0.51
CA SER A 79 -1.88 -11.77 1.93
C SER A 79 -0.46 -11.56 2.44
N TYR A 80 0.52 -12.02 1.66
CA TYR A 80 1.92 -11.76 1.96
C TYR A 80 2.19 -10.26 2.13
N SER A 81 1.65 -9.46 1.20
CA SER A 81 1.89 -8.02 1.22
C SER A 81 1.22 -7.35 2.41
N ILE A 82 0.02 -7.82 2.79
CA ILE A 82 -0.63 -7.27 3.98
C ILE A 82 0.30 -7.42 5.20
N GLN A 83 0.92 -8.59 5.35
CA GLN A 83 1.87 -8.80 6.45
C GLN A 83 3.01 -7.79 6.40
N LYS A 84 3.51 -7.48 5.20
CA LYS A 84 4.61 -6.52 5.08
C LYS A 84 4.13 -5.12 5.46
N VAL A 85 2.92 -4.76 5.04
CA VAL A 85 2.38 -3.43 5.37
C VAL A 85 2.25 -3.27 6.87
N ILE A 86 1.78 -4.31 7.56
CA ILE A 86 1.66 -4.25 9.02
C ILE A 86 3.03 -4.09 9.66
N GLY A 87 4.03 -4.84 9.18
CA GLY A 87 5.37 -4.70 9.71
C GLY A 87 5.92 -3.29 9.50
N PHE A 88 5.61 -2.69 8.35
CA PHE A 88 6.05 -1.32 8.11
C PHE A 88 5.35 -0.35 9.06
N ALA A 89 4.02 -0.45 9.14
CA ALA A 89 3.24 0.48 9.97
C ALA A 89 3.72 0.50 11.40
N LYS A 90 4.10 -0.67 11.94
CA LYS A 90 4.53 -0.77 13.34
C LYS A 90 5.76 0.09 13.61
N MET A 91 6.60 0.32 12.60
N MET A 91 6.59 0.32 12.59
CA MET A 91 7.80 1.12 12.78
CA MET A 91 7.81 1.11 12.76
C MET A 91 7.61 2.60 12.47
C MET A 91 7.60 2.61 12.54
N ILE A 92 6.42 3.03 12.11
CA ILE A 92 6.16 4.46 11.88
C ILE A 92 6.23 5.21 13.20
N PRO A 93 7.08 6.24 13.31
CA PRO A 93 7.18 6.98 14.58
C PRO A 93 5.83 7.50 15.02
N GLY A 94 5.46 7.17 16.26
CA GLY A 94 4.19 7.56 16.84
C GLY A 94 3.06 6.57 16.64
N PHE A 95 3.17 5.65 15.68
CA PHE A 95 2.06 4.75 15.37
C PHE A 95 1.64 3.93 16.58
N ARG A 96 2.59 3.38 17.32
CA ARG A 96 2.23 2.53 18.44
C ARG A 96 1.88 3.32 19.70
N ASP A 97 1.87 4.65 19.63
CA ASP A 97 1.24 5.44 20.68
C ASP A 97 -0.28 5.45 20.56
N LEU A 98 -0.81 5.01 19.43
CA LEU A 98 -2.25 4.89 19.25
C LEU A 98 -2.79 3.68 20.00
N THR A 99 -4.10 3.66 20.19
CA THR A 99 -4.75 2.50 20.77
C THR A 99 -4.80 1.37 19.74
N SER A 100 -4.91 0.15 20.27
CA SER A 100 -5.04 -1.04 19.42
C SER A 100 -6.16 -0.87 18.42
N ASP A 101 -7.32 -0.40 18.88
CA ASP A 101 -8.45 -0.22 17.98
C ASP A 101 -8.12 0.76 16.87
N ASP A 102 -7.42 1.85 17.19
CA ASP A 102 -7.06 2.85 16.18
C ASP A 102 -6.02 2.30 15.21
N GLN A 103 -5.04 1.55 15.72
CA GLN A 103 -4.08 0.89 14.84
C GLN A 103 -4.79 -0.05 13.86
N ILE A 104 -5.80 -0.78 14.35
CA ILE A 104 -6.52 -1.72 13.50
C ILE A 104 -7.34 -0.99 12.44
N VAL A 105 -8.07 0.04 12.85
N VAL A 105 -8.06 0.06 12.83
CA VAL A 105 -8.89 0.81 11.91
CA VAL A 105 -8.89 0.74 11.83
C VAL A 105 -8.01 1.39 10.80
C VAL A 105 -8.03 1.43 10.79
N LEU A 106 -6.84 1.90 11.15
CA LEU A 106 -5.98 2.54 10.16
C LEU A 106 -5.41 1.53 9.17
N LEU A 107 -5.01 0.35 9.66
CA LEU A 107 -4.47 -0.64 8.76
C LEU A 107 -5.56 -1.28 7.90
N LYS A 108 -6.75 -1.47 8.46
CA LYS A 108 -7.84 -2.07 7.68
C LYS A 108 -8.22 -1.16 6.50
N SER A 109 -8.23 0.14 6.71
CA SER A 109 -8.64 1.03 5.63
C SER A 109 -7.52 1.36 4.67
N SER A 110 -6.27 1.30 5.12
CA SER A 110 -5.15 1.74 4.27
C SER A 110 -4.41 0.60 3.59
N ALA A 111 -4.53 -0.64 4.08
CA ALA A 111 -3.69 -1.73 3.58
C ALA A 111 -3.77 -1.83 2.06
N ILE A 112 -4.98 -1.80 1.51
CA ILE A 112 -5.13 -1.93 0.06
C ILE A 112 -4.39 -0.79 -0.64
N GLU A 113 -4.42 0.40 -0.06
CA GLU A 113 -3.77 1.56 -0.68
C GLU A 113 -2.25 1.44 -0.59
N VAL A 114 -1.73 0.97 0.54
CA VAL A 114 -0.28 0.83 0.64
C VAL A 114 0.22 -0.29 -0.27
N ILE A 115 -0.55 -1.36 -0.43
CA ILE A 115 -0.16 -2.39 -1.39
C ILE A 115 -0.04 -1.80 -2.79
N MET A 116 -0.99 -0.95 -3.18
CA MET A 116 -0.89 -0.30 -4.48
C MET A 116 0.33 0.61 -4.55
N LEU A 117 0.59 1.37 -3.48
CA LEU A 117 1.79 2.23 -3.46
C LEU A 117 3.05 1.40 -3.54
N ARG A 118 3.17 0.39 -2.66
CA ARG A 118 4.36 -0.45 -2.63
C ARG A 118 4.60 -1.15 -3.95
N SER A 119 3.53 -1.52 -4.64
CA SER A 119 3.66 -2.24 -5.90
C SER A 119 4.31 -1.40 -7.00
N ASN A 120 4.36 -0.08 -6.82
CA ASN A 120 4.97 0.77 -7.85
C ASN A 120 6.46 0.46 -8.03
N GLN A 121 7.11 -0.08 -7.00
CA GLN A 121 8.53 -0.39 -7.09
C GLN A 121 8.80 -1.44 -8.17
N SER A 122 7.91 -2.43 -8.30
CA SER A 122 8.06 -3.44 -9.35
C SER A 122 7.40 -3.06 -10.67
N PHE A 123 6.55 -2.04 -10.69
CA PHE A 123 5.90 -1.63 -11.92
C PHE A 123 6.94 -1.13 -12.92
N THR A 124 6.79 -1.50 -14.19
CA THR A 124 7.63 -0.98 -15.26
C THR A 124 6.75 -0.40 -16.36
N MET A 125 7.07 0.83 -16.78
CA MET A 125 6.33 1.46 -17.86
C MET A 125 6.67 0.88 -19.23
N ASP A 126 7.65 0.00 -19.31
CA ASP A 126 8.02 -0.62 -20.60
C ASP A 126 6.81 -1.33 -21.18
N ASP A 127 6.11 -2.09 -20.36
CA ASP A 127 4.94 -2.80 -20.84
C ASP A 127 3.78 -2.74 -19.85
N MET A 128 3.78 -1.77 -18.93
CA MET A 128 2.68 -1.54 -17.99
C MET A 128 2.35 -2.81 -17.21
N SER A 129 3.38 -3.42 -16.67
CA SER A 129 3.24 -4.65 -15.89
C SER A 129 4.06 -4.53 -14.61
N TRP A 130 3.81 -5.44 -13.69
CA TRP A 130 4.55 -5.51 -12.42
C TRP A 130 5.54 -6.66 -12.53
N ASP A 131 6.83 -6.34 -12.49
CA ASP A 131 7.88 -7.31 -12.76
C ASP A 131 8.53 -7.71 -11.44
N CYS A 132 8.19 -8.89 -10.96
CA CYS A 132 8.71 -9.38 -9.67
C CYS A 132 9.79 -10.44 -9.86
N GLY A 133 10.76 -10.17 -10.74
CA GLY A 133 12.00 -10.92 -10.80
C GLY A 133 12.07 -12.03 -11.83
N SER A 134 10.93 -12.46 -12.38
CA SER A 134 10.91 -13.62 -13.26
C SER A 134 9.57 -13.66 -13.99
N GLN A 135 9.52 -14.47 -15.04
CA GLN A 135 8.36 -14.49 -15.93
C GLN A 135 7.10 -14.95 -15.21
N ASP A 136 7.22 -15.98 -14.36
CA ASP A 136 6.04 -16.48 -13.65
C ASP A 136 5.47 -15.43 -12.70
N TYR A 137 6.32 -14.56 -12.16
CA TYR A 137 5.90 -13.53 -11.22
C TYR A 137 5.98 -12.15 -11.87
N LYS A 138 5.61 -12.07 -13.14
CA LYS A 138 5.42 -10.81 -13.83
C LYS A 138 3.93 -10.68 -14.13
N TYR A 139 3.29 -9.64 -13.60
CA TYR A 139 1.84 -9.52 -13.61
C TYR A 139 1.40 -8.38 -14.52
N ASP A 140 0.45 -8.66 -15.40
CA ASP A 140 -0.12 -7.65 -16.29
C ASP A 140 -1.61 -7.50 -16.00
N VAL A 141 -2.29 -6.75 -16.87
CA VAL A 141 -3.71 -6.49 -16.65
C VAL A 141 -4.51 -7.77 -16.74
N THR A 142 -4.06 -8.73 -17.57
CA THR A 142 -4.80 -9.97 -17.72
C THR A 142 -4.74 -10.80 -16.43
N ASP A 143 -3.60 -10.78 -15.75
CA ASP A 143 -3.50 -11.50 -14.48
C ASP A 143 -4.46 -10.95 -13.45
N VAL A 144 -4.56 -9.62 -13.35
CA VAL A 144 -5.45 -9.01 -12.37
C VAL A 144 -6.90 -9.32 -12.72
N SER A 145 -7.22 -9.35 -14.01
N SER A 145 -7.23 -9.35 -14.02
CA SER A 145 -8.56 -9.77 -14.43
CA SER A 145 -8.57 -9.76 -14.40
C SER A 145 -8.83 -11.20 -14.01
C SER A 145 -8.85 -11.22 -14.03
N LYS A 146 -7.82 -12.06 -14.05
CA LYS A 146 -7.96 -13.47 -13.71
C LYS A 146 -8.00 -13.71 -12.21
N ALA A 147 -7.98 -12.66 -11.39
CA ALA A 147 -8.36 -12.74 -9.99
C ALA A 147 -9.77 -12.24 -9.75
N GLY A 148 -10.49 -11.84 -10.81
CA GLY A 148 -11.88 -11.46 -10.72
C GLY A 148 -12.17 -9.99 -10.96
N HIS A 149 -11.16 -9.15 -11.18
CA HIS A 149 -11.38 -7.71 -11.23
C HIS A 149 -11.58 -7.24 -12.67
N THR A 150 -12.26 -6.10 -12.80
CA THR A 150 -12.66 -5.54 -14.08
C THR A 150 -11.91 -4.23 -14.34
N LEU A 151 -12.09 -3.73 -15.58
CA LEU A 151 -11.41 -2.51 -16.01
C LEU A 151 -11.81 -1.30 -15.17
N GLU A 152 -12.99 -1.34 -14.56
CA GLU A 152 -13.40 -0.27 -13.64
C GLU A 152 -12.32 0.01 -12.60
N LEU A 153 -11.66 -1.04 -12.11
CA LEU A 153 -10.52 -0.91 -11.21
C LEU A 153 -9.19 -0.88 -11.96
N ILE A 154 -9.05 -1.76 -12.96
CA ILE A 154 -7.72 -2.01 -13.52
C ILE A 154 -7.21 -0.80 -14.30
N GLU A 155 -8.07 -0.19 -15.13
N GLU A 155 -8.06 -0.19 -15.12
CA GLU A 155 -7.64 0.99 -15.88
CA GLU A 155 -7.63 0.98 -15.88
C GLU A 155 -7.19 2.13 -14.97
C GLU A 155 -7.20 2.13 -14.98
N PRO A 156 -7.98 2.58 -13.99
CA PRO A 156 -7.47 3.62 -13.09
C PRO A 156 -6.24 3.17 -12.30
N LEU A 157 -6.11 1.87 -12.01
CA LEU A 157 -4.93 1.40 -11.30
C LEU A 157 -3.67 1.57 -12.15
N ILE A 158 -3.74 1.21 -13.42
CA ILE A 158 -2.61 1.42 -14.33
C ILE A 158 -2.29 2.91 -14.46
N LYS A 159 -3.33 3.74 -14.61
CA LYS A 159 -3.10 5.18 -14.70
C LYS A 159 -2.40 5.69 -13.44
N PHE A 160 -2.83 5.21 -12.27
CA PHE A 160 -2.15 5.56 -11.02
C PHE A 160 -0.68 5.17 -11.05
N GLN A 161 -0.39 3.91 -11.40
CA GLN A 161 0.99 3.44 -11.43
C GLN A 161 1.83 4.26 -12.38
N VAL A 162 1.28 4.64 -13.52
CA VAL A 162 2.02 5.44 -14.49
C VAL A 162 2.32 6.82 -13.91
N GLY A 163 1.33 7.47 -13.32
CA GLY A 163 1.53 8.81 -12.80
C GLY A 163 2.44 8.84 -11.59
N LEU A 164 2.38 7.81 -10.74
CA LEU A 164 3.30 7.73 -9.62
C LEU A 164 4.73 7.52 -10.11
N LYS A 165 4.91 6.59 -11.05
CA LYS A 165 6.24 6.30 -11.56
C LYS A 165 6.85 7.55 -12.19
N LYS A 166 6.04 8.36 -12.88
CA LYS A 166 6.53 9.57 -13.51
C LYS A 166 7.00 10.60 -12.49
N LEU A 167 6.53 10.53 -11.25
CA LEU A 167 7.02 11.45 -10.24
C LEU A 167 8.48 11.21 -9.92
N ASN A 168 9.00 10.02 -10.22
N ASN A 168 9.01 10.02 -10.21
CA ASN A 168 10.38 9.63 -9.91
CA ASN A 168 10.39 9.66 -9.92
C ASN A 168 10.75 10.03 -8.48
C ASN A 168 10.75 10.02 -8.47
N LEU A 169 9.92 9.54 -7.54
CA LEU A 169 10.13 9.84 -6.14
C LEU A 169 11.50 9.34 -5.67
N HIS A 170 12.13 10.13 -4.82
CA HIS A 170 13.19 9.60 -3.98
C HIS A 170 12.61 8.51 -3.08
N GLU A 171 13.44 7.53 -2.73
CA GLU A 171 12.98 6.53 -1.79
C GLU A 171 12.51 7.19 -0.49
N GLU A 172 13.19 8.26 -0.07
CA GLU A 172 12.73 9.03 1.08
C GLU A 172 11.29 9.50 0.92
N GLU A 173 10.94 9.99 -0.27
CA GLU A 173 9.58 10.47 -0.49
C GLU A 173 8.60 9.31 -0.56
N HIS A 174 9.04 8.19 -1.15
CA HIS A 174 8.18 7.01 -1.28
C HIS A 174 7.77 6.46 0.09
N VAL A 175 8.72 6.34 1.02
CA VAL A 175 8.35 5.73 2.30
C VAL A 175 7.58 6.73 3.16
N LEU A 176 7.85 8.03 3.03
CA LEU A 176 7.02 9.01 3.74
C LEU A 176 5.58 8.97 3.25
N LEU A 177 5.36 8.83 1.94
CA LEU A 177 4.00 8.76 1.41
C LEU A 177 3.28 7.52 1.94
N MET A 178 3.94 6.38 1.95
N MET A 178 3.95 6.39 1.99
CA MET A 178 3.38 5.18 2.56
CA MET A 178 3.32 5.20 2.55
C MET A 178 2.92 5.47 3.98
C MET A 178 2.92 5.42 4.00
N ALA A 179 3.79 6.08 4.77
CA ALA A 179 3.47 6.32 6.18
C ALA A 179 2.35 7.34 6.34
N ILE A 180 2.37 8.41 5.54
CA ILE A 180 1.29 9.39 5.59
C ILE A 180 -0.03 8.74 5.20
N CYS A 181 0.01 7.88 4.18
CA CYS A 181 -1.18 7.12 3.80
C CYS A 181 -1.74 6.32 4.97
N ILE A 182 -0.88 5.67 5.74
CA ILE A 182 -1.34 4.82 6.82
C ILE A 182 -1.96 5.65 7.96
N VAL A 183 -1.29 6.72 8.35
CA VAL A 183 -1.76 7.51 9.50
C VAL A 183 -2.64 8.66 9.01
N SER A 184 -3.85 8.34 8.54
CA SER A 184 -4.80 9.34 8.05
C SER A 184 -5.91 9.55 9.06
N PRO A 185 -6.19 10.79 9.50
CA PRO A 185 -7.20 10.97 10.57
C PRO A 185 -8.63 10.84 10.11
N ASP A 186 -8.91 10.90 8.80
CA ASP A 186 -10.28 10.86 8.33
C ASP A 186 -10.76 9.45 8.03
N ARG A 187 -9.99 8.43 8.37
CA ARG A 187 -10.43 7.06 8.12
C ARG A 187 -11.68 6.77 8.95
N PRO A 188 -12.66 6.07 8.38
CA PRO A 188 -13.89 5.77 9.14
C PRO A 188 -13.59 4.87 10.33
N GLY A 189 -14.21 5.20 11.46
CA GLY A 189 -14.04 4.44 12.68
C GLY A 189 -12.91 4.93 13.58
N VAL A 190 -12.09 5.87 13.13
CA VAL A 190 -11.02 6.38 13.97
C VAL A 190 -11.62 7.04 15.20
N GLN A 191 -11.04 6.79 16.37
CA GLN A 191 -11.53 7.38 17.60
C GLN A 191 -10.73 8.63 17.98
N ASP A 192 -9.43 8.50 18.21
CA ASP A 192 -8.59 9.64 18.59
C ASP A 192 -8.00 10.31 17.34
N ALA A 193 -8.90 10.92 16.56
CA ALA A 193 -8.49 11.58 15.32
C ALA A 193 -7.53 12.73 15.58
N LYS A 194 -7.61 13.37 16.75
N LYS A 194 -7.60 13.35 16.75
CA LYS A 194 -6.69 14.44 17.10
CA LYS A 194 -6.67 14.44 17.06
C LYS A 194 -5.26 13.91 17.17
C LYS A 194 -5.25 13.93 17.20
N LEU A 195 -5.07 12.74 17.78
CA LEU A 195 -3.73 12.18 17.89
C LEU A 195 -3.25 11.62 16.56
N VAL A 196 -4.15 11.01 15.78
CA VAL A 196 -3.77 10.54 14.45
C VAL A 196 -3.32 11.72 13.59
N GLU A 197 -4.03 12.84 13.67
CA GLU A 197 -3.65 14.02 12.89
C GLU A 197 -2.29 14.55 13.32
N ALA A 198 -2.01 14.58 14.62
CA ALA A 198 -0.72 15.07 15.10
C ALA A 198 0.43 14.21 14.58
N ILE A 199 0.25 12.89 14.55
CA ILE A 199 1.30 12.03 14.00
C ILE A 199 1.44 12.25 12.50
N GLN A 200 0.33 12.29 11.77
CA GLN A 200 0.42 12.55 10.34
C GLN A 200 1.07 13.89 10.05
N ASP A 201 0.71 14.91 10.84
CA ASP A 201 1.25 16.25 10.60
C ASP A 201 2.76 16.25 10.72
N ARG A 202 3.30 15.52 11.71
CA ARG A 202 4.74 15.40 11.84
C ARG A 202 5.36 14.81 10.58
N LEU A 203 4.68 13.85 9.96
CA LEU A 203 5.19 13.23 8.75
C LEU A 203 5.02 14.15 7.55
N SER A 204 3.88 14.84 7.46
CA SER A 204 3.63 15.77 6.35
C SER A 204 4.66 16.89 6.32
N ASN A 205 4.94 17.50 7.48
CA ASN A 205 5.96 18.55 7.53
C ASN A 205 7.35 17.99 7.21
N THR A 206 7.64 16.76 7.62
CA THR A 206 8.89 16.12 7.22
C THR A 206 8.99 16.02 5.71
N LEU A 207 7.92 15.56 5.05
CA LEU A 207 7.95 15.42 3.61
C LEU A 207 8.01 16.78 2.93
N GLN A 208 7.16 17.72 3.36
CA GLN A 208 7.16 19.05 2.76
C GLN A 208 8.54 19.69 2.88
N THR A 209 9.19 19.53 4.04
CA THR A 209 10.51 20.11 4.23
C THR A 209 11.58 19.37 3.44
N TYR A 210 11.49 18.04 3.39
CA TYR A 210 12.45 17.25 2.60
C TYR A 210 12.46 17.71 1.14
N ILE A 211 11.27 17.86 0.56
CA ILE A 211 11.20 18.23 -0.86
C ILE A 211 11.84 19.59 -1.08
N ARG A 212 11.46 20.56 -0.24
CA ARG A 212 11.99 21.96 -0.27
C ARG A 212 13.52 22.00 -0.11
N CYS A 213 14.15 21.12 0.66
CA CYS A 213 15.57 21.16 0.94
C CYS A 213 16.42 20.16 0.17
N ARG A 214 15.86 19.03 -0.27
N ARG A 214 15.85 19.04 -0.28
CA ARG A 214 16.66 17.96 -0.86
CA ARG A 214 16.65 17.95 -0.85
C ARG A 214 16.25 17.53 -2.25
C ARG A 214 16.24 17.51 -2.24
N HIS A 215 15.08 17.93 -2.75
CA HIS A 215 14.68 17.52 -4.09
C HIS A 215 14.96 18.64 -5.05
N PRO A 216 15.90 18.49 -5.99
CA PRO A 216 16.28 19.62 -6.83
C PRO A 216 15.23 19.91 -7.88
N PRO A 217 15.14 21.14 -8.36
CA PRO A 217 14.28 21.43 -9.51
C PRO A 217 14.89 20.85 -10.77
N PRO A 218 14.07 20.57 -11.80
CA PRO A 218 12.62 20.83 -11.87
C PRO A 218 11.74 19.72 -11.27
N GLY A 219 12.34 18.59 -10.87
CA GLY A 219 11.55 17.49 -10.35
C GLY A 219 10.72 17.86 -9.13
N SER A 220 11.16 18.85 -8.36
CA SER A 220 10.46 19.25 -7.15
C SER A 220 9.22 20.09 -7.42
N HIS A 221 8.98 20.52 -8.66
CA HIS A 221 7.91 21.46 -8.97
C HIS A 221 6.54 20.89 -8.60
N GLN A 222 5.87 21.52 -7.63
N GLN A 222 5.86 21.51 -7.63
CA GLN A 222 4.53 21.11 -7.17
CA GLN A 222 4.54 21.10 -7.17
C GLN A 222 4.52 19.64 -6.71
C GLN A 222 4.52 19.65 -6.68
N LEU A 223 5.67 19.15 -6.25
CA LEU A 223 5.78 17.72 -5.95
C LEU A 223 4.91 17.31 -4.78
N TYR A 224 4.89 18.11 -3.70
CA TYR A 224 4.05 17.76 -2.55
C TYR A 224 2.58 17.67 -2.94
N ALA A 225 2.10 18.67 -3.68
CA ALA A 225 0.70 18.68 -4.10
C ALA A 225 0.41 17.50 -5.02
N LYS A 226 1.38 17.12 -5.86
CA LYS A 226 1.20 15.95 -6.72
C LYS A 226 1.14 14.67 -5.88
N MET A 227 1.93 14.61 -4.81
CA MET A 227 1.91 13.42 -3.97
C MET A 227 0.59 13.31 -3.21
N ILE A 228 0.09 14.43 -2.69
CA ILE A 228 -1.20 14.41 -2.02
C ILE A 228 -2.31 14.07 -2.99
N GLN A 229 -2.20 14.52 -4.25
CA GLN A 229 -3.18 14.08 -5.25
C GLN A 229 -3.19 12.56 -5.39
N LYS A 230 -2.03 11.92 -5.28
CA LYS A 230 -1.98 10.47 -5.39
C LYS A 230 -2.69 9.81 -4.20
N LEU A 231 -2.69 10.44 -3.03
CA LEU A 231 -3.46 9.91 -1.90
C LEU A 231 -4.96 10.00 -2.15
N ALA A 232 -5.40 11.06 -2.83
CA ALA A 232 -6.80 11.15 -3.24
C ALA A 232 -7.13 10.10 -4.30
N ASP A 233 -6.22 9.87 -5.25
CA ASP A 233 -6.43 8.80 -6.22
C ASP A 233 -6.56 7.45 -5.51
N LEU A 234 -5.78 7.24 -4.45
CA LEU A 234 -5.84 5.97 -3.74
C LEU A 234 -7.19 5.77 -3.05
N ARG A 235 -7.79 6.86 -2.55
CA ARG A 235 -9.11 6.71 -1.94
C ARG A 235 -10.12 6.19 -2.94
N SER A 236 -10.06 6.68 -4.18
CA SER A 236 -10.98 6.21 -5.22
C SER A 236 -10.67 4.77 -5.63
N LEU A 237 -9.38 4.42 -5.73
CA LEU A 237 -9.01 3.03 -6.00
C LEU A 237 -9.42 2.13 -4.84
N ASN A 238 -9.27 2.61 -3.61
CA ASN A 238 -9.76 1.87 -2.45
C ASN A 238 -11.26 1.58 -2.57
N GLU A 239 -12.05 2.61 -2.89
CA GLU A 239 -13.49 2.43 -3.03
C GLU A 239 -13.84 1.38 -4.06
N GLU A 240 -13.22 1.46 -5.24
CA GLU A 240 -13.56 0.54 -6.32
C GLU A 240 -13.09 -0.88 -6.00
N HIS A 241 -11.88 -1.04 -5.45
CA HIS A 241 -11.43 -2.39 -5.10
C HIS A 241 -12.35 -3.01 -4.05
N SER A 242 -12.73 -2.23 -3.03
CA SER A 242 -13.64 -2.73 -2.00
C SER A 242 -14.96 -3.18 -2.60
N LYS A 243 -15.48 -2.43 -3.58
N LYS A 243 -15.49 -2.42 -3.56
CA LYS A 243 -16.74 -2.82 -4.21
CA LYS A 243 -16.72 -2.79 -4.24
C LYS A 243 -16.60 -4.15 -4.93
C LYS A 243 -16.58 -4.15 -4.91
N GLN A 244 -15.54 -4.30 -5.73
CA GLN A 244 -15.34 -5.57 -6.43
C GLN A 244 -14.96 -6.71 -5.48
N TYR A 245 -14.18 -6.40 -4.43
CA TYR A 245 -13.84 -7.44 -3.46
C TYR A 245 -15.08 -7.99 -2.78
N ARG A 246 -16.01 -7.11 -2.38
CA ARG A 246 -17.25 -7.55 -1.78
C ARG A 246 -18.04 -8.43 -2.74
N SER A 247 -18.10 -8.04 -4.03
CA SER A 247 -18.78 -8.87 -5.01
C SER A 247 -18.11 -10.23 -5.16
N LEU A 248 -16.78 -10.24 -5.27
CA LEU A 248 -16.06 -11.52 -5.44
C LEU A 248 -16.15 -12.38 -4.19
N SER A 249 -15.91 -11.79 -3.02
CA SER A 249 -15.87 -12.59 -1.79
C SER A 249 -17.25 -13.02 -1.32
N PHE A 250 -18.32 -12.40 -1.84
CA PHE A 250 -19.67 -12.83 -1.47
C PHE A 250 -19.96 -14.23 -1.97
N GLN A 251 -19.28 -14.67 -3.02
CA GLN A 251 -19.49 -16.01 -3.52
C GLN A 251 -18.59 -16.97 -2.76
N PRO A 252 -19.16 -18.00 -2.11
CA PRO A 252 -18.36 -18.81 -1.18
C PRO A 252 -17.20 -19.52 -1.87
N GLU A 253 -17.38 -19.95 -3.12
CA GLU A 253 -16.32 -20.67 -3.81
C GLU A 253 -15.12 -19.78 -4.10
N ASN A 254 -15.31 -18.46 -4.19
CA ASN A 254 -14.18 -17.53 -4.30
C ASN A 254 -13.54 -17.32 -2.93
N SER A 255 -14.38 -17.08 -1.91
CA SER A 255 -13.88 -16.90 -0.56
C SER A 255 -13.06 -18.09 -0.10
N MET A 256 -13.38 -19.28 -0.59
CA MET A 256 -12.64 -20.48 -0.21
C MET A 256 -11.19 -20.39 -0.60
N LYS A 257 -10.90 -19.64 -1.67
CA LYS A 257 -9.56 -19.49 -2.23
C LYS A 257 -8.78 -18.35 -1.61
N LEU A 258 -9.42 -17.54 -0.77
CA LEU A 258 -8.74 -16.45 -0.10
C LEU A 258 -7.95 -17.00 1.09
N THR A 259 -7.20 -16.13 1.77
CA THR A 259 -6.51 -16.57 2.97
C THR A 259 -7.23 -16.04 4.20
N PRO A 260 -6.97 -16.61 5.38
CA PRO A 260 -7.62 -16.07 6.58
C PRO A 260 -7.27 -14.62 6.86
N LEU A 261 -6.02 -14.21 6.62
CA LEU A 261 -5.66 -12.81 6.86
C LEU A 261 -6.39 -11.88 5.90
N VAL A 262 -6.49 -12.27 4.61
CA VAL A 262 -7.22 -11.45 3.64
C VAL A 262 -8.67 -11.27 4.08
N LEU A 263 -9.30 -12.36 4.53
CA LEU A 263 -10.69 -12.29 4.97
C LEU A 263 -10.85 -11.40 6.18
N GLU A 264 -9.89 -11.45 7.11
CA GLU A 264 -9.97 -10.59 8.30
C GLU A 264 -9.77 -9.13 7.96
N VAL A 265 -8.79 -8.81 7.12
CA VAL A 265 -8.46 -7.41 6.85
C VAL A 265 -9.37 -6.82 5.77
N PHE A 266 -9.49 -7.49 4.63
CA PHE A 266 -10.33 -6.93 3.57
C PHE A 266 -11.82 -7.13 3.84
N GLY A 267 -12.18 -8.17 4.58
CA GLY A 267 -13.58 -8.32 4.95
C GLY A 267 -14.14 -9.70 4.71
N ASN A 268 -15.19 -10.04 5.44
CA ASN A 268 -15.80 -11.36 5.39
C ASN A 268 -17.32 -11.26 5.59
N LYS B 1 -16.60 -7.79 14.73
CA LYS B 1 -15.31 -7.92 14.07
C LYS B 1 -14.14 -7.94 15.02
N ASN B 2 -13.74 -9.13 15.43
CA ASN B 2 -12.48 -9.33 16.12
C ASN B 2 -11.40 -9.54 15.07
N HIS B 3 -10.22 -8.95 15.31
CA HIS B 3 -9.11 -9.05 14.36
C HIS B 3 -7.91 -9.66 15.06
N PRO B 4 -7.99 -10.96 15.41
CA PRO B 4 -6.90 -11.56 16.18
C PRO B 4 -5.62 -11.73 15.40
N MET B 5 -5.69 -11.96 14.08
CA MET B 5 -4.45 -12.11 13.31
C MET B 5 -3.79 -10.76 13.08
N LEU B 6 -4.58 -9.75 12.73
CA LEU B 6 -4.06 -8.38 12.66
C LEU B 6 -3.51 -7.95 14.02
N MET B 7 -4.30 -8.14 15.07
CA MET B 7 -3.85 -7.75 16.41
C MET B 7 -2.56 -8.47 16.78
N ASN B 8 -2.44 -9.75 16.44
CA ASN B 8 -1.24 -10.49 16.80
C ASN B 8 -0.02 -10.02 16.02
N LEU B 9 -0.20 -9.68 14.75
CA LEU B 9 0.92 -9.13 13.97
C LEU B 9 1.30 -7.73 14.42
N LEU B 10 0.38 -7.02 15.09
CA LEU B 10 0.69 -5.70 15.63
C LEU B 10 1.42 -5.78 16.97
N LYS B 11 1.24 -6.89 17.69
CA LYS B 11 1.93 -7.12 18.95
C LYS B 11 3.40 -7.46 18.74
C10 A1L74 C . -4.68 -6.78 -5.70
C10 A1L74 C . -4.67 -6.77 -5.69
C13 A1L74 C . -3.46 -8.56 -7.45
C13 A1L74 C . -3.48 -8.57 -7.47
C15 A1L74 C . -0.86 -8.29 -9.26
C15 A1L74 C . -0.88 -8.30 -9.35
C20 A1L74 C . 6.58 -7.84 -2.62
C20 A1L74 C . 6.40 -7.84 -2.64
C21 A1L74 C . 7.73 -7.12 -1.87
C21 A1L74 C . 7.63 -7.20 -1.96
C22 A1L74 C . 7.81 -7.63 -0.43
C22 A1L74 C . 7.75 -7.63 -0.48
C24 A1L74 C . -8.37 -9.63 -4.60
C24 A1L74 C . -8.37 -9.65 -4.58
C26 A1L74 C . -7.93 -9.86 -3.13
C26 A1L74 C . -7.91 -9.87 -3.13
C28 A1L74 C . -6.88 -10.97 -3.02
C28 A1L74 C . -6.86 -11.01 -3.04
C01 A1L74 C . 0.91 -6.97 -4.36
C01 A1L74 C . 2.70 -6.30 -6.60
C02 A1L74 C . 2.22 -6.72 -4.67
C02 A1L74 C . 2.57 -6.53 -5.25
C03 A1L74 C . 2.55 -6.47 -5.97
C03 A1L74 C . 1.32 -6.86 -4.74
C04 A1L74 C . 1.59 -6.54 -6.98
C04 A1L74 C . 0.24 -6.96 -5.56
C05 A1L74 C . 0.24 -6.81 -6.68
C05 A1L74 C . 0.36 -6.75 -6.95
C06 A1L74 C . -0.07 -7.03 -5.36
C06 A1L74 C . 1.58 -6.42 -7.45
C08 A1L74 C . -2.84 -7.31 -7.21
C08 A1L74 C . -2.85 -7.33 -7.22
C09 A1L74 C . -3.46 -6.42 -6.33
C09 A1L74 C . -3.46 -6.42 -6.34
C11 A1L74 C . -5.27 -8.01 -5.96
C11 A1L74 C . -5.27 -8.00 -5.95
C12 A1L74 C . -4.66 -8.91 -6.86
C12 A1L74 C . -4.68 -8.91 -6.85
C14 A1L74 C . -1.40 -5.26 -9.02
C14 A1L74 C . -1.44 -5.26 -9.08
C18 A1L74 C . 4.26 -7.59 -3.47
C18 A1L74 C . 3.99 -7.37 -3.38
C19 A1L74 C . 5.32 -6.95 -2.60
C19 A1L74 C . 5.18 -6.88 -2.55
C23 A1L74 C . -7.13 -9.47 -5.56
C23 A1L74 C . -7.12 -9.49 -5.56
C25 A1L74 C . -9.20 -10.85 -5.06
C25 A1L74 C . -9.20 -10.86 -5.05
C27 A1L74 C . -10.39 -11.09 -4.16
C27 A1L74 C . -10.38 -11.07 -4.15
C31 A1L74 C . 4.00 -6.20 -6.15
C31 A1L74 C . 1.16 -7.08 -3.29
C32 A1L74 C . -5.36 -5.85 -4.75
C32 A1L74 C . -5.34 -5.83 -4.74
C35 A1L74 C . 1.91 -6.30 -8.45
C35 A1L74 C . -1.13 -7.34 -4.96
C36 A1L74 C . -2.80 -5.06 -6.03
C36 A1L74 C . -2.80 -5.04 -6.05
O16 A1L74 C . -6.47 -8.30 -5.30
O16 A1L74 C . -6.47 -8.30 -5.27
O17 A1L74 C . 3.24 -6.61 -3.65
O17 A1L74 C . 3.70 -6.39 -4.37
O29 A1L74 C . -9.15 -8.48 -4.59
O29 A1L74 C . -9.15 -8.48 -4.61
O30 A1L74 C . 6.84 -7.43 0.32
O30 A1L74 C . 8.79 -8.21 -0.08
O33 A1L74 C . 8.81 -8.23 -0.04
O33 A1L74 C . 6.82 -7.39 0.31
O34 A1L74 C . 4.88 -6.78 -1.30
O34 A1L74 C . 4.81 -6.74 -1.23
SI07 A1L74 C . -1.17 -6.88 -8.07
SI07 A1L74 C . -1.19 -6.90 -8.14
#